data_5T3Q
#
_entry.id   5T3Q
#
_cell.length_a   71.627
_cell.length_b   82.272
_cell.length_c   127.139
_cell.angle_alpha   90.000
_cell.angle_beta   90.000
_cell.angle_gamma   90.000
#
_symmetry.space_group_name_H-M   'C 2 2 21'
#
loop_
_entity.id
_entity.type
_entity.pdbx_description
1 polymer 'Hepatocyte growth factor receptor'
2 non-polymer N-{3-fluoro-4-[(7-methoxyquinolin-4-yl)oxy]phenyl}-1-(2-hydroxy-2-methylpropyl)-5-methyl-3-oxo-2-phenyl-2,3-dihydro-1H-pyrazole-4-carboxamide
3 water water
#
_entity_poly.entity_id   1
_entity_poly.type   'polypeptide(L)'
_entity_poly.pdbx_seq_one_letter_code
;QNTVHIDLSALNPELVQAVQHVVIGPSSLIVHFNEVIGRGHFGCVYHGTLLDNDGKKIHCAVKSLNRITDIGEVSQFLTE
GIIMKDFSHPNVLSLLGICLRSEGSPLVVLPYMKHGDLRNFIRNETHNPTVKDLIGFGLQVAKGMKYLASKKFVHRDLAA
RNCMLDEKFTVKVADFGLARDMYDKEYYSVHNKTGAKLPVKWMALESLQTQKFTTKSDVWSFGVLLWELMTRGAPPYPDV
NTFDITVYLLQGRRLLQPEYCPDPLYEVMLKCWHPKAEMRPSFSELVSRISAIFSTFIGEHYVHHHHHH
;
_entity_poly.pdbx_strand_id   A
#
loop_
_chem_comp.id
_chem_comp.type
_chem_comp.name
_chem_comp.formula
75H non-polymer N-{3-fluoro-4-[(7-methoxyquinolin-4-yl)oxy]phenyl}-1-(2-hydroxy-2-methylpropyl)-5-methyl-3-oxo-2-phenyl-2,3-dihydro-1H-pyrazole-4-carboxamide 'C31 H29 F N4 O5'
#
# COMPACT_ATOMS: atom_id res chain seq x y z
N THR A 3 26.93 -1.97 -12.06
CA THR A 3 28.17 -2.21 -11.26
C THR A 3 27.87 -2.88 -9.90
N VAL A 4 26.73 -3.58 -9.79
CA VAL A 4 26.31 -4.22 -8.53
C VAL A 4 26.74 -5.69 -8.45
N HIS A 5 27.74 -5.99 -7.60
CA HIS A 5 28.22 -7.36 -7.39
C HIS A 5 28.20 -7.70 -5.92
N ILE A 6 27.09 -8.25 -5.45
CA ILE A 6 26.93 -8.57 -4.02
C ILE A 6 27.53 -9.94 -3.69
N ASP A 7 28.32 -9.99 -2.63
CA ASP A 7 28.97 -11.24 -2.18
C ASP A 7 27.98 -12.05 -1.33
N LEU A 8 27.30 -13.01 -1.94
CA LEU A 8 26.28 -13.78 -1.24
C LEU A 8 26.84 -14.75 -0.20
N SER A 9 28.10 -15.15 -0.34
CA SER A 9 28.73 -16.05 0.64
C SER A 9 28.88 -15.36 2.01
N ALA A 10 28.97 -14.04 2.00
CA ALA A 10 29.04 -13.24 3.22
C ALA A 10 27.76 -13.30 4.08
N LEU A 11 26.63 -13.71 3.49
CA LEU A 11 25.37 -13.81 4.26
C LEU A 11 25.40 -14.96 5.25
N ASN A 12 24.64 -14.82 6.34
CA ASN A 12 24.52 -15.85 7.37
C ASN A 12 23.75 -17.08 6.90
N PRO A 13 24.25 -18.30 7.21
CA PRO A 13 23.59 -19.57 6.86
C PRO A 13 22.19 -19.81 7.40
N GLU A 14 21.92 -19.48 8.66
CA GLU A 14 20.60 -19.77 9.24
C GLU A 14 19.50 -18.94 8.57
N LEU A 15 19.85 -17.72 8.18
CA LEU A 15 18.92 -16.77 7.58
C LEU A 15 18.63 -17.18 6.13
N VAL A 16 19.68 -17.46 5.38
CA VAL A 16 19.55 -18.03 4.03
C VAL A 16 18.65 -19.28 4.05
N GLN A 17 18.78 -20.13 5.06
CA GLN A 17 17.86 -21.25 5.21
C GLN A 17 16.41 -20.78 5.43
N ALA A 18 16.22 -19.76 6.28
CA ALA A 18 14.89 -19.23 6.56
C ALA A 18 14.21 -18.64 5.32
N VAL A 19 15.01 -18.05 4.45
CA VAL A 19 14.46 -17.32 3.30
C VAL A 19 14.22 -18.21 2.05
N GLN A 20 14.66 -19.46 2.10
CA GLN A 20 14.56 -20.32 0.91
C GLN A 20 13.15 -20.40 0.37
N HIS A 21 12.16 -20.48 1.26
CA HIS A 21 10.78 -20.60 0.83
C HIS A 21 10.26 -19.37 0.13
N VAL A 22 11.01 -18.26 0.18
CA VAL A 22 10.64 -17.01 -0.51
C VAL A 22 11.41 -16.79 -1.83
N VAL A 23 12.50 -17.51 -2.01
CA VAL A 23 13.41 -17.27 -3.15
C VAL A 23 12.83 -17.88 -4.41
N ILE A 24 12.85 -17.12 -5.49
CA ILE A 24 12.55 -17.65 -6.83
C ILE A 24 13.70 -17.29 -7.75
N GLY A 25 13.88 -18.09 -8.80
CA GLY A 25 15.06 -18.00 -9.62
C GLY A 25 14.77 -18.22 -11.08
N PRO A 26 15.83 -18.22 -11.90
CA PRO A 26 15.73 -18.37 -13.35
C PRO A 26 15.10 -19.67 -13.83
N SER A 27 14.97 -20.68 -12.97
CA SER A 27 14.21 -21.89 -13.34
C SER A 27 12.70 -21.64 -13.44
N SER A 28 12.22 -20.52 -12.88
CA SER A 28 10.78 -20.17 -12.87
C SER A 28 10.46 -18.79 -13.45
N LEU A 29 11.36 -17.82 -13.29
CA LEU A 29 11.07 -16.42 -13.60
C LEU A 29 11.86 -15.91 -14.79
N ILE A 30 11.14 -15.33 -15.76
CA ILE A 30 11.73 -14.59 -16.86
C ILE A 30 11.53 -13.10 -16.57
N VAL A 31 12.62 -12.37 -16.40
CA VAL A 31 12.54 -10.93 -16.27
C VAL A 31 12.75 -10.31 -17.65
N HIS A 32 11.87 -9.38 -18.03
CA HIS A 32 12.06 -8.61 -19.26
C HIS A 32 12.68 -7.31 -18.91
N PHE A 33 14.00 -7.33 -18.84
CA PHE A 33 14.79 -6.16 -18.44
C PHE A 33 14.72 -5.01 -19.43
N ASN A 34 14.28 -5.27 -20.66
CA ASN A 34 14.04 -4.22 -21.63
C ASN A 34 12.63 -3.61 -21.61
N GLU A 35 11.79 -4.07 -20.70
CA GLU A 35 10.39 -3.68 -20.70
C GLU A 35 9.99 -3.18 -19.32
N VAL A 36 9.68 -1.89 -19.23
CA VAL A 36 9.50 -1.21 -17.96
C VAL A 36 8.00 -1.04 -17.64
N ILE A 37 7.69 -1.07 -16.35
CA ILE A 37 6.38 -0.69 -15.82
C ILE A 37 6.61 0.70 -15.21
N GLY A 38 6.16 1.73 -15.92
CA GLY A 38 6.45 3.12 -15.56
C GLY A 38 5.59 3.64 -14.43
N HIS A 41 7.54 5.63 -10.95
CA HIS A 41 6.77 6.06 -9.79
C HIS A 41 6.86 5.08 -8.63
N PHE A 42 7.25 3.84 -8.91
CA PHE A 42 7.48 2.80 -7.89
C PHE A 42 8.92 2.24 -7.95
N GLY A 43 9.86 3.06 -8.41
CA GLY A 43 11.24 2.63 -8.60
C GLY A 43 11.44 1.99 -9.97
N CYS A 44 12.48 1.17 -10.08
CA CYS A 44 12.80 0.48 -11.33
C CYS A 44 12.03 -0.85 -11.39
N VAL A 45 10.96 -0.90 -12.17
CA VAL A 45 10.08 -2.08 -12.21
C VAL A 45 9.97 -2.61 -13.64
N TYR A 46 10.17 -3.91 -13.79
CA TYR A 46 10.19 -4.54 -15.09
C TYR A 46 9.04 -5.48 -15.21
N HIS A 47 8.64 -5.74 -16.45
CA HIS A 47 7.67 -6.79 -16.71
C HIS A 47 8.40 -8.10 -16.50
N GLY A 48 7.70 -9.06 -15.91
CA GLY A 48 8.24 -10.40 -15.75
C GLY A 48 7.18 -11.45 -15.98
N THR A 49 7.63 -12.69 -16.16
CA THR A 49 6.72 -13.83 -16.34
C THR A 49 7.13 -14.96 -15.42
N LEU A 50 6.20 -15.53 -14.67
CA LEU A 50 6.55 -16.59 -13.71
C LEU A 50 5.88 -17.89 -14.12
N LEU A 51 6.68 -18.92 -14.34
CA LEU A 51 6.19 -20.24 -14.78
C LEU A 51 6.15 -21.23 -13.65
N ASP A 52 5.06 -21.98 -13.51
CA ASP A 52 5.03 -23.15 -12.61
C ASP A 52 5.66 -24.37 -13.32
N ASN A 53 5.49 -25.57 -12.76
CA ASN A 53 6.22 -26.76 -13.22
C ASN A 53 5.78 -27.31 -14.59
N ASP A 54 4.54 -27.00 -15.00
CA ASP A 54 4.03 -27.45 -16.30
C ASP A 54 4.16 -26.37 -17.37
N GLY A 55 4.77 -25.24 -17.01
CA GLY A 55 4.96 -24.12 -17.93
C GLY A 55 3.83 -23.11 -18.04
N LYS A 56 2.93 -23.05 -17.05
CA LYS A 56 1.89 -22.01 -17.02
C LYS A 56 2.44 -20.64 -16.62
N LYS A 57 2.10 -19.60 -17.37
CA LYS A 57 2.67 -18.27 -17.17
C LYS A 57 1.78 -17.34 -16.31
N ILE A 58 2.42 -16.62 -15.38
CA ILE A 58 1.76 -15.57 -14.59
C ILE A 58 2.52 -14.25 -14.84
N HIS A 59 1.78 -13.19 -15.19
CA HIS A 59 2.33 -11.85 -15.42
C HIS A 59 2.67 -11.24 -14.08
N CYS A 60 3.91 -10.81 -13.92
CA CYS A 60 4.30 -10.12 -12.72
C CYS A 60 5.07 -8.83 -12.96
N ALA A 61 5.23 -8.07 -11.86
CA ALA A 61 6.06 -6.87 -11.83
C ALA A 61 7.30 -7.26 -11.03
N VAL A 62 8.46 -6.88 -11.52
CA VAL A 62 9.74 -7.23 -10.93
C VAL A 62 10.48 -5.94 -10.62
N LYS A 63 10.54 -5.59 -9.33
CA LYS A 63 11.19 -4.35 -8.88
C LYS A 63 12.63 -4.60 -8.49
N SER A 64 13.52 -3.77 -9.03
CA SER A 64 14.96 -3.91 -8.78
C SER A 64 15.37 -2.93 -7.68
N LEU A 65 15.78 -3.47 -6.54
CA LEU A 65 16.19 -2.68 -5.36
C LEU A 65 17.63 -2.19 -5.52
N ASN A 66 17.80 -1.14 -6.33
CA ASN A 66 19.14 -0.67 -6.70
C ASN A 66 19.93 0.02 -5.59
N ARG A 67 19.27 0.40 -4.50
CA ARG A 67 19.96 0.95 -3.32
C ARG A 67 20.68 -0.10 -2.50
N ILE A 68 20.15 -1.32 -2.47
CA ILE A 68 20.70 -2.40 -1.62
C ILE A 68 22.11 -2.80 -2.06
N THR A 69 23.11 -2.32 -1.32
CA THR A 69 24.54 -2.54 -1.63
C THR A 69 25.20 -3.51 -0.66
N ASP A 70 25.06 -3.26 0.64
CA ASP A 70 25.78 -4.03 1.67
C ASP A 70 24.97 -5.17 2.33
N ILE A 71 25.69 -6.06 3.01
CA ILE A 71 25.14 -7.30 3.55
C ILE A 71 24.13 -7.08 4.68
N GLY A 72 24.26 -5.97 5.40
CA GLY A 72 23.23 -5.55 6.34
C GLY A 72 21.90 -5.31 5.64
N GLU A 73 21.95 -4.48 4.60
CA GLU A 73 20.77 -4.16 3.77
C GLU A 73 20.18 -5.40 3.09
N VAL A 74 21.05 -6.32 2.65
CA VAL A 74 20.59 -7.55 2.02
C VAL A 74 19.92 -8.44 3.06
N SER A 75 20.49 -8.48 4.26
CA SER A 75 19.91 -9.26 5.36
C SER A 75 18.55 -8.71 5.78
N GLN A 76 18.44 -7.39 5.86
CA GLN A 76 17.16 -6.73 6.11
C GLN A 76 16.17 -7.00 4.96
N PHE A 77 16.66 -7.01 3.73
CA PHE A 77 15.83 -7.31 2.55
C PHE A 77 15.24 -8.71 2.64
N LEU A 78 16.06 -9.67 3.06
CA LEU A 78 15.60 -11.05 3.22
C LEU A 78 14.50 -11.14 4.28
N THR A 79 14.69 -10.40 5.38
CA THR A 79 13.74 -10.41 6.49
C THR A 79 12.39 -9.84 6.07
N GLU A 80 12.41 -8.72 5.36
CA GLU A 80 11.19 -8.15 4.81
C GLU A 80 10.47 -9.16 3.90
N GLY A 81 11.25 -9.94 3.15
CA GLY A 81 10.72 -10.98 2.28
C GLY A 81 10.00 -12.07 3.06
N ILE A 82 10.66 -12.56 4.11
CA ILE A 82 10.06 -13.57 4.97
C ILE A 82 8.73 -13.08 5.57
N ILE A 83 8.70 -11.85 6.07
CA ILE A 83 7.49 -11.27 6.68
C ILE A 83 6.35 -11.15 5.68
N MET A 84 6.62 -10.49 4.57
CA MET A 84 5.60 -10.23 3.55
C MET A 84 5.03 -11.53 2.96
N LYS A 85 5.89 -12.51 2.72
CA LYS A 85 5.47 -13.78 2.12
C LYS A 85 4.38 -14.49 2.95
N ASP A 86 4.37 -14.31 4.27
CA ASP A 86 3.38 -14.94 5.15
C ASP A 86 1.98 -14.34 4.99
N PHE A 87 1.91 -13.06 4.63
CA PHE A 87 0.64 -12.37 4.53
C PHE A 87 -0.21 -12.91 3.40
N SER A 88 -1.46 -13.18 3.70
CA SER A 88 -2.38 -13.71 2.72
C SER A 88 -3.79 -13.17 2.97
N HIS A 89 -4.14 -12.13 2.20
CA HIS A 89 -5.45 -11.48 2.28
C HIS A 89 -5.76 -10.89 0.92
N PRO A 90 -7.03 -10.93 0.49
CA PRO A 90 -7.33 -10.46 -0.88
C PRO A 90 -7.13 -8.95 -1.08
N ASN A 91 -6.96 -8.20 0.02
CA ASN A 91 -6.79 -6.74 -0.04
C ASN A 91 -5.40 -6.28 0.40
N VAL A 92 -4.44 -7.21 0.35
CA VAL A 92 -3.04 -6.95 0.63
C VAL A 92 -2.24 -7.54 -0.53
N LEU A 93 -1.38 -6.74 -1.17
CA LEU A 93 -0.58 -7.21 -2.31
C LEU A 93 0.29 -8.39 -1.88
N SER A 94 0.26 -9.46 -2.66
CA SER A 94 1.06 -10.68 -2.39
C SER A 94 2.51 -10.52 -2.78
N LEU A 95 3.41 -11.21 -2.07
CA LEU A 95 4.78 -11.34 -2.53
C LEU A 95 4.91 -12.69 -3.21
N LEU A 96 5.20 -12.67 -4.52
CA LEU A 96 5.37 -13.92 -5.25
C LEU A 96 6.74 -14.54 -4.96
N GLY A 97 7.73 -13.69 -4.70
CA GLY A 97 9.05 -14.15 -4.30
C GLY A 97 10.07 -13.04 -4.39
N ILE A 98 11.30 -13.38 -4.04
CA ILE A 98 12.41 -12.46 -4.18
C ILE A 98 13.56 -13.18 -4.90
N CYS A 99 14.44 -12.39 -5.50
CA CYS A 99 15.64 -12.90 -6.17
C CYS A 99 16.89 -12.34 -5.53
N LEU A 100 17.74 -13.26 -5.06
CA LEU A 100 19.00 -12.94 -4.44
C LEU A 100 20.08 -13.35 -5.45
N ARG A 101 20.67 -12.35 -6.11
CA ARG A 101 21.62 -12.61 -7.20
C ARG A 101 23.05 -12.23 -6.85
N SER A 102 24.02 -12.96 -7.40
CA SER A 102 25.43 -12.65 -7.23
C SER A 102 25.86 -11.51 -8.16
N GLU A 103 25.06 -11.26 -9.19
CA GLU A 103 25.27 -10.13 -10.08
C GLU A 103 23.94 -9.42 -10.26
N GLY A 104 23.94 -8.11 -10.08
CA GLY A 104 22.74 -7.30 -10.17
C GLY A 104 22.02 -7.17 -8.84
N SER A 105 21.21 -6.14 -8.71
CA SER A 105 20.50 -5.85 -7.47
C SER A 105 19.46 -6.91 -7.13
N PRO A 106 19.13 -7.03 -5.83
CA PRO A 106 18.04 -7.90 -5.42
C PRO A 106 16.72 -7.50 -6.06
N LEU A 107 15.88 -8.48 -6.36
CA LEU A 107 14.61 -8.25 -7.00
C LEU A 107 13.45 -8.67 -6.12
N VAL A 108 12.33 -7.93 -6.24
CA VAL A 108 11.08 -8.28 -5.59
C VAL A 108 10.04 -8.56 -6.67
N VAL A 109 9.31 -9.65 -6.54
CA VAL A 109 8.35 -10.11 -7.54
C VAL A 109 6.91 -10.07 -7.01
N LEU A 110 6.09 -9.24 -7.67
CA LEU A 110 4.71 -8.97 -7.30
C LEU A 110 3.77 -9.34 -8.45
N PRO A 111 2.51 -9.72 -8.14
CA PRO A 111 1.57 -9.99 -9.20
C PRO A 111 1.26 -8.70 -9.94
N TYR A 112 1.05 -8.79 -11.24
CA TYR A 112 0.83 -7.61 -12.07
C TYR A 112 -0.53 -7.03 -11.69
N MET A 113 -0.58 -5.72 -11.52
CA MET A 113 -1.84 -5.07 -11.15
C MET A 113 -2.31 -4.27 -12.35
N LYS A 114 -3.29 -4.77 -13.09
CA LYS A 114 -3.67 -4.16 -14.39
C LYS A 114 -3.96 -2.66 -14.33
N HIS A 115 -4.62 -2.21 -13.28
CA HIS A 115 -5.08 -0.83 -13.22
C HIS A 115 -4.19 0.08 -12.40
N GLY A 116 -2.98 -0.37 -12.09
CA GLY A 116 -1.99 0.50 -11.46
C GLY A 116 -2.38 0.88 -10.04
N ASP A 117 -1.99 2.09 -9.63
CA ASP A 117 -2.29 2.55 -8.28
C ASP A 117 -3.64 3.27 -8.23
N LEU A 118 -4.26 3.23 -7.07
CA LEU A 118 -5.62 3.76 -6.88
C LEU A 118 -5.72 5.26 -7.17
N ARG A 119 -4.71 6.02 -6.76
CA ARG A 119 -4.71 7.47 -7.02
C ARG A 119 -4.77 7.79 -8.52
N ASN A 120 -3.90 7.17 -9.31
CA ASN A 120 -3.94 7.43 -10.74
C ASN A 120 -5.25 6.93 -11.37
N PHE A 121 -5.75 5.80 -10.91
CA PHE A 121 -7.04 5.31 -11.39
C PHE A 121 -8.21 6.30 -11.17
N ILE A 122 -8.38 6.78 -9.94
CA ILE A 122 -9.49 7.70 -9.65
C ILE A 122 -9.29 9.10 -10.29
N ARG A 123 -8.04 9.54 -10.46
CA ARG A 123 -7.77 10.83 -11.13
C ARG A 123 -8.04 10.81 -12.65
N ASN A 124 -7.92 9.64 -13.26
CA ASN A 124 -8.14 9.49 -14.71
C ASN A 124 -9.58 9.80 -15.09
N GLU A 125 -9.78 10.89 -15.82
CA GLU A 125 -11.14 11.36 -16.13
C GLU A 125 -11.93 10.38 -16.99
N THR A 126 -11.26 9.47 -17.69
CA THR A 126 -11.95 8.46 -18.51
C THR A 126 -12.60 7.34 -17.66
N HIS A 127 -12.24 7.27 -16.38
CA HIS A 127 -12.96 6.38 -15.45
C HIS A 127 -14.08 7.14 -14.79
N ASN A 128 -15.14 6.42 -14.43
CA ASN A 128 -16.37 7.04 -13.94
C ASN A 128 -16.88 6.38 -12.65
N PRO A 129 -16.03 6.34 -11.61
CA PRO A 129 -16.51 5.70 -10.40
C PRO A 129 -17.64 6.47 -9.74
N THR A 130 -18.64 5.75 -9.25
CA THR A 130 -19.73 6.36 -8.48
C THR A 130 -19.28 6.58 -7.04
N VAL A 131 -20.13 7.24 -6.25
CA VAL A 131 -19.86 7.45 -4.84
C VAL A 131 -19.78 6.08 -4.15
N LYS A 132 -20.70 5.17 -4.49
CA LYS A 132 -20.62 3.81 -3.99
C LYS A 132 -19.27 3.16 -4.36
N ASP A 133 -18.82 3.32 -5.61
CA ASP A 133 -17.53 2.75 -6.03
C ASP A 133 -16.40 3.22 -5.13
N LEU A 134 -16.31 4.54 -4.94
CA LEU A 134 -15.24 5.13 -4.14
C LEU A 134 -15.27 4.67 -2.68
N ILE A 135 -16.46 4.60 -2.09
CA ILE A 135 -16.62 4.07 -0.74
C ILE A 135 -16.20 2.59 -0.69
N GLY A 136 -16.57 1.83 -1.71
CA GLY A 136 -16.14 0.43 -1.86
C GLY A 136 -14.64 0.23 -1.87
N PHE A 137 -13.93 1.07 -2.62
CA PHE A 137 -12.47 1.07 -2.58
C PHE A 137 -11.97 1.31 -1.16
N GLY A 138 -12.60 2.27 -0.47
CA GLY A 138 -12.25 2.59 0.91
C GLY A 138 -12.46 1.43 1.85
N LEU A 139 -13.60 0.76 1.71
CA LEU A 139 -13.90 -0.45 2.49
C LEU A 139 -12.85 -1.56 2.23
N GLN A 140 -12.45 -1.77 0.98
CA GLN A 140 -11.42 -2.78 0.66
C GLN A 140 -10.09 -2.47 1.35
N VAL A 141 -9.68 -1.21 1.32
CA VAL A 141 -8.46 -0.80 2.00
C VAL A 141 -8.59 -1.10 3.51
N ALA A 142 -9.75 -0.79 4.08
CA ALA A 142 -9.97 -1.01 5.52
C ALA A 142 -9.83 -2.49 5.88
N LYS A 143 -10.38 -3.36 5.05
CA LYS A 143 -10.26 -4.80 5.26
C LYS A 143 -8.80 -5.29 5.21
N GLY A 144 -8.02 -4.75 4.28
CA GLY A 144 -6.60 -5.04 4.20
C GLY A 144 -5.84 -4.53 5.40
N MET A 145 -6.19 -3.33 5.88
CA MET A 145 -5.53 -2.77 7.06
C MET A 145 -5.94 -3.53 8.32
N LYS A 146 -7.20 -3.95 8.39
CA LYS A 146 -7.67 -4.82 9.48
C LYS A 146 -6.82 -6.10 9.54
N TYR A 147 -6.58 -6.73 8.40
CA TYR A 147 -5.75 -7.93 8.37
C TYR A 147 -4.34 -7.62 8.88
N LEU A 148 -3.72 -6.58 8.33
CA LEU A 148 -2.36 -6.22 8.69
C LEU A 148 -2.22 -5.88 10.16
N ALA A 149 -3.17 -5.09 10.69
CA ALA A 149 -3.18 -4.78 12.12
C ALA A 149 -3.30 -6.06 12.94
N SER A 150 -4.13 -7.00 12.50
CA SER A 150 -4.23 -8.32 13.17
C SER A 150 -2.89 -9.07 13.26
N LYS A 151 -2.00 -8.80 12.28
CA LYS A 151 -0.66 -9.38 12.25
C LYS A 151 0.38 -8.50 12.93
N LYS A 152 -0.06 -7.45 13.61
CA LYS A 152 0.82 -6.49 14.28
C LYS A 152 1.78 -5.73 13.34
N PHE A 153 1.42 -5.66 12.06
CA PHE A 153 2.21 -4.94 11.06
C PHE A 153 1.77 -3.48 10.97
N VAL A 154 2.70 -2.56 11.14
CA VAL A 154 2.40 -1.13 11.05
C VAL A 154 2.82 -0.63 9.67
N HIS A 155 1.87 -0.06 8.93
CA HIS A 155 2.11 0.31 7.54
C HIS A 155 3.04 1.46 7.37
N ARG A 156 2.74 2.59 8.01
CA ARG A 156 3.59 3.81 8.01
C ARG A 156 3.45 4.75 6.81
N ASP A 157 3.01 4.24 5.65
CA ASP A 157 2.86 5.10 4.48
C ASP A 157 1.58 4.82 3.72
N LEU A 158 0.47 4.71 4.44
CA LEU A 158 -0.81 4.39 3.82
C LEU A 158 -1.30 5.63 3.06
N ALA A 159 -1.61 5.46 1.78
CA ALA A 159 -2.07 6.56 0.92
C ALA A 159 -2.60 5.97 -0.38
N ALA A 160 -3.48 6.69 -1.06
CA ALA A 160 -4.09 6.16 -2.31
C ALA A 160 -3.03 5.68 -3.32
N ARG A 161 -1.92 6.42 -3.41
CA ARG A 161 -0.82 6.09 -4.32
C ARG A 161 -0.16 4.75 -4.03
N ASN A 162 -0.29 4.27 -2.79
CA ASN A 162 0.30 3.01 -2.38
C ASN A 162 -0.67 1.83 -2.40
N CYS A 163 -1.91 2.06 -2.83
CA CYS A 163 -2.87 0.98 -3.01
C CYS A 163 -2.96 0.64 -4.50
N MET A 164 -2.95 -0.66 -4.80
CA MET A 164 -3.00 -1.11 -6.19
C MET A 164 -4.39 -1.61 -6.53
N LEU A 165 -4.65 -1.77 -7.83
CA LEU A 165 -5.96 -2.19 -8.31
C LEU A 165 -5.77 -3.24 -9.42
N ASP A 166 -6.31 -4.44 -9.22
CA ASP A 166 -6.12 -5.53 -10.19
C ASP A 166 -7.20 -5.50 -11.26
N GLU A 167 -7.18 -6.50 -12.14
CA GLU A 167 -8.12 -6.54 -13.26
C GLU A 167 -9.58 -6.74 -12.84
N LYS A 168 -9.81 -7.32 -11.66
CA LYS A 168 -11.18 -7.45 -11.12
C LYS A 168 -11.56 -6.26 -10.21
N PHE A 169 -10.76 -5.18 -10.27
CA PHE A 169 -10.92 -4.02 -9.38
C PHE A 169 -10.94 -4.40 -7.90
N THR A 170 -9.96 -5.22 -7.52
CA THR A 170 -9.68 -5.54 -6.14
C THR A 170 -8.52 -4.65 -5.70
N VAL A 171 -8.74 -3.90 -4.61
CA VAL A 171 -7.73 -3.01 -4.06
C VAL A 171 -6.76 -3.84 -3.23
N LYS A 172 -5.47 -3.66 -3.51
CA LYS A 172 -4.42 -4.34 -2.79
C LYS A 172 -3.56 -3.31 -2.11
N VAL A 173 -3.57 -3.34 -0.78
CA VAL A 173 -2.71 -2.44 -0.02
C VAL A 173 -1.27 -2.88 -0.25
N ALA A 174 -0.40 -1.90 -0.52
CA ALA A 174 0.99 -2.16 -0.87
C ALA A 174 1.89 -1.09 -0.23
N ASP A 175 3.19 -1.26 -0.40
CA ASP A 175 4.21 -0.41 0.25
C ASP A 175 4.02 -0.10 1.73
N LEU A 198 9.17 13.30 2.73
CA LEU A 198 8.27 12.32 3.35
C LEU A 198 6.80 12.83 3.40
N PRO A 199 5.84 11.95 3.76
CA PRO A 199 4.42 12.24 3.52
C PRO A 199 3.71 12.91 4.71
N VAL A 200 4.11 14.14 5.03
CA VAL A 200 3.61 14.80 6.25
C VAL A 200 2.10 15.03 6.25
N LYS A 201 1.52 15.32 5.10
CA LYS A 201 0.07 15.55 5.00
C LYS A 201 -0.82 14.28 5.18
N TRP A 202 -0.19 13.11 5.36
CA TRP A 202 -0.92 11.86 5.71
C TRP A 202 -0.64 11.41 7.12
N MET A 203 0.29 12.09 7.80
CA MET A 203 0.81 11.59 9.08
C MET A 203 -0.04 12.05 10.26
N ALA A 204 -0.28 11.15 11.20
CA ALA A 204 -0.90 11.51 12.48
C ALA A 204 -0.17 12.66 13.18
N LEU A 205 -0.92 13.42 13.97
CA LEU A 205 -0.36 14.53 14.74
C LEU A 205 0.82 14.06 15.57
N GLU A 206 0.66 12.93 16.27
CA GLU A 206 1.72 12.41 17.14
C GLU A 206 2.94 11.91 16.35
N SER A 207 2.71 11.42 15.13
CA SER A 207 3.83 11.01 14.28
C SER A 207 4.64 12.21 13.83
N LEU A 208 3.96 13.32 13.53
CA LEU A 208 4.66 14.55 13.13
C LEU A 208 5.59 15.07 14.23
N GLN A 209 5.24 14.86 15.50
CA GLN A 209 6.04 15.45 16.58
C GLN A 209 6.91 14.44 17.35
N THR A 210 6.39 13.23 17.60
CA THR A 210 7.17 12.22 18.33
C THR A 210 7.89 11.24 17.40
N GLN A 211 7.72 11.41 16.09
CA GLN A 211 8.42 10.61 15.07
C GLN A 211 8.03 9.13 15.05
N LYS A 212 7.10 8.71 15.90
CA LYS A 212 6.74 7.31 16.03
C LYS A 212 5.43 6.97 15.31
N PHE A 213 5.34 5.71 14.87
CA PHE A 213 4.21 5.24 14.07
C PHE A 213 3.60 4.02 14.72
N THR A 214 2.27 3.94 14.66
CA THR A 214 1.51 2.82 15.26
C THR A 214 0.34 2.48 14.33
N THR A 215 -0.42 1.45 14.68
CA THR A 215 -1.67 1.15 13.99
C THR A 215 -2.66 2.32 14.10
N LYS A 216 -2.71 2.96 15.26
CA LYS A 216 -3.52 4.18 15.44
C LYS A 216 -3.12 5.34 14.51
N SER A 217 -1.82 5.51 14.21
CA SER A 217 -1.40 6.48 13.19
C SER A 217 -1.74 6.02 11.75
N ASP A 218 -1.70 4.72 11.48
CA ASP A 218 -2.23 4.17 10.20
C ASP A 218 -3.71 4.53 10.04
N VAL A 219 -4.46 4.56 11.15
CA VAL A 219 -5.90 4.92 11.12
C VAL A 219 -6.09 6.35 10.67
N TRP A 220 -5.25 7.27 11.14
CA TRP A 220 -5.23 8.67 10.69
C TRP A 220 -4.96 8.77 9.20
N SER A 221 -3.91 8.10 8.73
CA SER A 221 -3.60 8.05 7.28
C SER A 221 -4.74 7.48 6.47
N PHE A 222 -5.41 6.47 7.00
CA PHE A 222 -6.59 5.92 6.36
C PHE A 222 -7.69 6.96 6.15
N GLY A 223 -7.90 7.83 7.14
CA GLY A 223 -8.87 8.90 7.00
C GLY A 223 -8.51 9.86 5.87
N VAL A 224 -7.23 10.17 5.73
CA VAL A 224 -6.80 11.02 4.63
C VAL A 224 -7.00 10.29 3.32
N LEU A 225 -6.69 8.99 3.28
CA LEU A 225 -6.92 8.17 2.08
C LEU A 225 -8.42 8.21 1.69
N LEU A 226 -9.31 8.01 2.65
CA LEU A 226 -10.75 8.16 2.37
C LEU A 226 -11.06 9.53 1.77
N TRP A 227 -10.44 10.59 2.28
CA TRP A 227 -10.66 11.92 1.73
C TRP A 227 -10.19 11.98 0.28
N GLU A 228 -8.99 11.45 0.03
CA GLU A 228 -8.47 11.34 -1.35
C GLU A 228 -9.48 10.64 -2.26
N LEU A 229 -10.03 9.53 -1.80
CA LEU A 229 -11.01 8.79 -2.59
C LEU A 229 -12.22 9.65 -2.96
N MET A 230 -12.80 10.31 -1.96
CA MET A 230 -14.05 11.04 -2.17
C MET A 230 -13.88 12.31 -3.02
N THR A 231 -12.64 12.80 -3.12
CA THR A 231 -12.29 13.90 -4.01
C THR A 231 -11.66 13.42 -5.32
N ARG A 232 -11.62 12.10 -5.54
CA ARG A 232 -10.96 11.48 -6.70
C ARG A 232 -9.52 11.96 -6.87
N GLY A 233 -8.77 11.88 -5.77
CA GLY A 233 -7.33 12.09 -5.80
C GLY A 233 -6.89 13.53 -5.77
N ALA A 234 -7.69 14.41 -5.17
CA ALA A 234 -7.25 15.79 -4.96
C ALA A 234 -6.09 15.81 -3.94
N PRO A 235 -5.15 16.78 -4.10
CA PRO A 235 -4.08 16.90 -3.10
C PRO A 235 -4.63 17.49 -1.80
N PRO A 236 -4.35 16.87 -0.65
CA PRO A 236 -4.90 17.34 0.63
C PRO A 236 -4.26 18.65 1.11
N TYR A 237 -5.06 19.47 1.80
CA TYR A 237 -4.58 20.74 2.37
C TYR A 237 -3.83 21.57 1.32
N PRO A 238 -4.48 21.88 0.20
CA PRO A 238 -3.75 22.56 -0.89
C PRO A 238 -3.13 23.89 -0.45
N ASP A 239 -3.80 24.60 0.46
CA ASP A 239 -3.36 25.94 0.86
C ASP A 239 -2.49 25.98 2.10
N VAL A 240 -2.09 24.84 2.64
CA VAL A 240 -1.16 24.84 3.79
C VAL A 240 0.20 24.25 3.40
N ASN A 241 1.26 25.01 3.67
CA ASN A 241 2.62 24.51 3.49
C ASN A 241 2.81 23.26 4.33
N THR A 242 3.73 22.41 3.90
CA THR A 242 3.99 21.15 4.58
C THR A 242 4.57 21.37 5.99
N PHE A 243 5.29 22.48 6.16
CA PHE A 243 5.91 22.82 7.45
C PHE A 243 4.94 23.55 8.40
N ASP A 244 3.76 23.92 7.91
CA ASP A 244 2.72 24.57 8.73
C ASP A 244 1.58 23.63 9.12
N ILE A 245 1.76 22.35 8.86
CA ILE A 245 0.70 21.38 9.00
C ILE A 245 0.45 21.03 10.46
N THR A 246 1.51 20.99 11.26
CA THR A 246 1.39 20.65 12.68
C THR A 246 0.54 21.69 13.43
N VAL A 247 0.81 22.97 13.16
CA VAL A 247 0.07 24.08 13.77
C VAL A 247 -1.39 24.11 13.33
N TYR A 248 -1.60 23.91 12.03
CA TYR A 248 -2.94 23.80 11.44
C TYR A 248 -3.74 22.78 12.21
N LEU A 249 -3.15 21.59 12.39
CA LEU A 249 -3.83 20.48 13.08
C LEU A 249 -4.04 20.76 14.57
N LEU A 250 -3.05 21.39 15.22
CA LEU A 250 -3.15 21.73 16.65
C LEU A 250 -4.22 22.81 16.89
N GLN A 251 -4.38 23.72 15.93
CA GLN A 251 -5.47 24.70 15.95
C GLN A 251 -6.87 24.06 15.83
N GLY A 252 -6.91 22.76 15.60
CA GLY A 252 -8.16 22.00 15.52
C GLY A 252 -8.81 22.01 14.15
N ARG A 253 -8.03 22.33 13.12
CA ARG A 253 -8.53 22.41 11.75
C ARG A 253 -8.30 21.06 11.07
N ARG A 254 -9.17 20.73 10.13
CA ARG A 254 -9.17 19.42 9.48
C ARG A 254 -9.53 19.57 8.00
N LEU A 255 -9.21 18.56 7.20
CA LEU A 255 -9.66 18.52 5.80
C LEU A 255 -11.17 18.76 5.71
N LEU A 256 -11.59 19.64 4.80
CA LEU A 256 -13.01 19.92 4.59
C LEU A 256 -13.72 18.74 3.96
N GLN A 257 -15.03 18.66 4.21
CA GLN A 257 -15.87 17.61 3.68
C GLN A 257 -15.98 17.72 2.18
N PRO A 258 -15.56 16.68 1.44
CA PRO A 258 -15.63 16.72 -0.02
C PRO A 258 -17.06 16.84 -0.51
N GLU A 259 -17.22 17.46 -1.67
CA GLU A 259 -18.50 17.66 -2.34
C GLU A 259 -19.34 16.38 -2.44
N TYR A 260 -18.69 15.26 -2.75
CA TYR A 260 -19.38 13.96 -2.95
C TYR A 260 -19.42 13.07 -1.70
N CYS A 261 -18.80 13.52 -0.61
CA CYS A 261 -18.72 12.74 0.61
C CYS A 261 -19.99 12.92 1.45
N PRO A 262 -20.72 11.82 1.75
CA PRO A 262 -21.89 11.92 2.64
C PRO A 262 -21.52 12.19 4.09
N ASP A 263 -22.45 12.76 4.85
CA ASP A 263 -22.16 13.16 6.22
C ASP A 263 -21.63 12.04 7.12
N PRO A 264 -22.24 10.85 7.05
CA PRO A 264 -21.77 9.77 7.94
C PRO A 264 -20.32 9.36 7.65
N LEU A 265 -19.91 9.40 6.38
CA LEU A 265 -18.52 9.10 6.04
C LEU A 265 -17.59 10.21 6.51
N TYR A 266 -18.01 11.48 6.40
CA TYR A 266 -17.18 12.56 6.90
C TYR A 266 -16.99 12.43 8.40
N GLU A 267 -18.02 12.02 9.12
CA GLU A 267 -17.90 11.74 10.57
C GLU A 267 -16.82 10.68 10.86
N VAL A 268 -16.85 9.58 10.11
CA VAL A 268 -15.78 8.56 10.19
C VAL A 268 -14.40 9.17 10.00
N MET A 269 -14.23 10.01 8.97
CA MET A 269 -12.96 10.70 8.74
C MET A 269 -12.52 11.50 9.97
N LEU A 270 -13.44 12.28 10.54
CA LEU A 270 -13.12 13.12 11.69
C LEU A 270 -12.63 12.31 12.89
N LYS A 271 -13.24 11.17 13.12
CA LYS A 271 -12.84 10.26 14.19
C LYS A 271 -11.47 9.65 13.90
N CYS A 272 -11.12 9.48 12.62
CA CYS A 272 -9.81 8.96 12.23
C CYS A 272 -8.74 9.98 12.55
N TRP A 273 -9.11 11.26 12.58
CA TRP A 273 -8.16 12.33 12.92
C TRP A 273 -8.31 12.85 14.35
N HIS A 274 -8.83 12.01 15.24
CA HIS A 274 -8.91 12.37 16.66
C HIS A 274 -7.53 12.73 17.17
N PRO A 275 -7.41 13.88 17.88
CA PRO A 275 -6.10 14.22 18.45
C PRO A 275 -5.54 13.20 19.44
N LYS A 276 -6.40 12.39 20.06
CA LYS A 276 -6.00 11.31 20.96
C LYS A 276 -6.06 9.97 20.23
N ALA A 277 -4.88 9.43 19.91
CA ALA A 277 -4.76 8.19 19.11
C ALA A 277 -5.57 7.05 19.67
N GLU A 278 -5.55 6.93 20.99
CA GLU A 278 -6.37 5.96 21.75
C GLU A 278 -7.89 6.06 21.49
N MET A 279 -8.36 7.24 21.12
CA MET A 279 -9.79 7.45 20.86
C MET A 279 -10.20 7.20 19.41
N ARG A 280 -9.23 6.93 18.54
CA ARG A 280 -9.54 6.63 17.13
C ARG A 280 -10.12 5.25 17.02
N PRO A 281 -11.01 5.04 16.05
CA PRO A 281 -11.54 3.71 15.84
C PRO A 281 -10.46 2.72 15.36
N SER A 282 -10.70 1.44 15.63
CA SER A 282 -9.87 0.37 15.10
C SER A 282 -10.26 0.11 13.65
N PHE A 283 -9.35 -0.50 12.88
CA PHE A 283 -9.72 -0.92 11.52
C PHE A 283 -10.88 -1.91 11.52
N SER A 284 -10.97 -2.71 12.57
CA SER A 284 -12.11 -3.59 12.70
C SER A 284 -13.41 -2.74 12.84
N GLU A 285 -13.35 -1.69 13.64
CA GLU A 285 -14.50 -0.79 13.80
C GLU A 285 -14.81 -0.07 12.48
N LEU A 286 -13.77 0.35 11.77
CA LEU A 286 -13.93 1.02 10.48
C LEU A 286 -14.57 0.13 9.43
N VAL A 287 -14.14 -1.12 9.32
CA VAL A 287 -14.74 -2.04 8.36
C VAL A 287 -16.22 -2.18 8.62
N SER A 288 -16.59 -2.33 9.89
CA SER A 288 -17.99 -2.48 10.27
C SER A 288 -18.80 -1.23 9.91
N ARG A 289 -18.31 -0.07 10.31
CA ARG A 289 -19.02 1.19 10.06
C ARG A 289 -19.13 1.46 8.56
N ILE A 290 -18.00 1.41 7.86
CA ILE A 290 -17.99 1.72 6.43
C ILE A 290 -18.83 0.74 5.64
N SER A 291 -18.82 -0.53 6.05
CA SER A 291 -19.63 -1.54 5.39
C SER A 291 -21.13 -1.20 5.49
N ALA A 292 -21.56 -0.64 6.61
CA ALA A 292 -22.96 -0.24 6.80
C ALA A 292 -23.28 0.94 5.87
N ILE A 293 -22.36 1.91 5.80
CA ILE A 293 -22.53 3.05 4.89
C ILE A 293 -22.61 2.62 3.42
N PHE A 294 -21.70 1.75 3.01
CA PHE A 294 -21.66 1.25 1.63
C PHE A 294 -22.96 0.57 1.18
N SER A 295 -23.57 -0.19 2.09
CA SER A 295 -24.81 -0.92 1.76
C SER A 295 -26.01 0.00 1.54
N THR A 296 -26.03 1.17 2.17
CA THR A 296 -27.09 2.14 1.90
C THR A 296 -26.94 2.85 0.55
N PHE A 297 -25.78 2.70 -0.10
CA PHE A 297 -25.56 3.35 -1.41
C PHE A 297 -25.94 2.42 -2.55
N ILE A 298 -26.42 3.00 -3.65
CA ILE A 298 -26.72 2.22 -4.84
C ILE A 298 -26.11 2.83 -6.11
N GLY A 299 -25.77 1.98 -7.07
CA GLY A 299 -25.20 2.40 -8.34
C GLY A 299 -23.68 2.29 -8.30
N GLU A 300 -23.15 1.38 -9.11
CA GLU A 300 -21.72 1.06 -9.19
C GLU A 300 -21.32 0.80 -10.64
N HIS A 301 -20.13 1.27 -11.02
CA HIS A 301 -19.52 0.90 -12.31
C HIS A 301 -18.34 -0.02 -12.18
N TYR A 302 -17.84 -0.22 -10.95
CA TYR A 302 -16.66 -1.05 -10.71
C TYR A 302 -16.99 -2.05 -9.58
N VAL A 303 -17.64 -3.14 -9.97
CA VAL A 303 -18.13 -4.14 -9.01
C VAL A 303 -16.98 -5.09 -8.70
N HIS A 304 -16.78 -5.38 -7.42
CA HIS A 304 -15.64 -6.17 -6.99
C HIS A 304 -15.87 -7.64 -7.22
C16 75H B . 0.30 -1.23 -14.57
O2 75H B . 1.02 -0.32 -13.66
C2 75H B . 1.62 -0.87 -12.59
C3 75H B . 1.39 -2.21 -12.24
C1 75H B . 2.45 -0.08 -11.79
C6 75H B . 3.07 -0.64 -10.67
C5 75H B . 2.87 -1.99 -10.34
C4 75H B . 2.02 -2.77 -11.13
N1 75H B . 1.81 -4.08 -10.81
C7 75H B . 2.37 -4.65 -9.74
C8 75H B . 3.21 -3.91 -8.91
C9 75H B . 3.47 -2.55 -9.21
O1 75H B . 4.29 -1.74 -8.46
C10 75H B . 4.71 -2.11 -7.23
C11 75H B . 6.04 -2.48 -7.07
C12 75H B . 6.53 -2.84 -5.82
F1 75H B . 6.87 -2.48 -8.13
C15 75H B . 3.85 -2.09 -6.12
C14 75H B . 4.35 -2.48 -4.87
C13 75H B . 5.69 -2.84 -4.71
N2 75H B . 6.26 -3.24 -3.55
C22 75H B . 5.66 -3.35 -2.33
O5 75H B . 4.47 -3.15 -2.10
C17 75H B . 6.56 -3.93 -1.26
C19 75H B . 7.88 -4.34 -1.41
O3 75H B . 8.56 -4.25 -2.44
C18 75H B . 6.23 -4.24 0.06
C21 75H B . 4.87 -3.99 0.72
N3 75H B . 7.33 -4.75 0.63
C28 75H B . 7.40 -5.20 2.04
C29 75H B . 7.68 -4.06 3.07
C30 75H B . 7.89 -4.64 4.46
C31 75H B . 6.52 -3.05 3.15
O4 75H B . 8.86 -3.38 2.69
N4 75H B . 8.28 -4.77 -0.20
C20 75H B . 9.46 -5.36 -0.05
C23 75H B . 9.37 -6.76 -0.06
C24 75H B . 10.50 -7.56 0.06
C25 75H B . 11.74 -6.96 0.14
C26 75H B . 11.84 -5.57 0.13
C27 75H B . 10.71 -4.75 0.02
#